data_1W2D
#
_entry.id   1W2D
#
_cell.length_a   72.054
_cell.length_b   97.411
_cell.length_c   190.844
_cell.angle_alpha   90.00
_cell.angle_beta   90.00
_cell.angle_gamma   90.00
#
_symmetry.space_group_name_H-M   'C 2 2 21'
#
loop_
_entity.id
_entity.type
_entity.pdbx_description
1 polymer 'INOSITOL-TRISPHOSPHATE 3-KINASE A'
2 non-polymer "ADENOSINE-5'-DIPHOSPHATE"
3 non-polymer INOSITOL-(1,3,4,5)-TETRAKISPHOSPHATE
4 non-polymer 'MANGANESE (II) ION'
5 non-polymer 'SULFATE ION'
6 water water
#
_entity_poly.entity_id   1
_entity_poly.type   'polypeptide(L)'
_entity_poly.pdbx_seq_one_letter_code
;SFKAAGTSGLILKRCSEPERYCLARLMADALRGCVPAFHGVVERDGESYLQLQDLLDGFDGPCVLDCKMGVRTYLEEELT
KARERPKLRKDMYKKMLAVDPEAPTEEEHAQRAVTKPRYMQWREGISSSTTLGFRIEGIKKADGSCSTDFKTTRSREQVL
RVFEEFVQGDEEVLRRYLNRLQQIRDTLEVSEFFRRHEVIGSSLLFVHDHCHRAGVWLIDFGKTTPLPDGQILDHRRPWE
EGNREDGYLLGLDNLIGILASLAER
;
_entity_poly.pdbx_strand_id   A,B
#
# COMPACT_ATOMS: atom_id res chain seq x y z
N SER A 1 -0.20 -11.70 -9.33
CA SER A 1 0.13 -12.67 -10.40
C SER A 1 1.46 -13.41 -10.18
N PHE A 2 2.16 -13.18 -9.06
CA PHE A 2 3.51 -13.75 -8.87
C PHE A 2 3.65 -14.95 -7.89
N LYS A 3 4.60 -15.82 -8.19
CA LYS A 3 4.93 -16.97 -7.35
C LYS A 3 6.43 -17.24 -7.42
N ALA A 4 7.01 -17.77 -6.34
CA ALA A 4 8.45 -18.00 -6.29
C ALA A 4 8.84 -19.15 -7.22
N ALA A 5 10.01 -19.03 -7.83
CA ALA A 5 10.54 -20.06 -8.73
C ALA A 5 11.44 -21.00 -7.96
N GLY A 6 11.66 -22.19 -8.52
CA GLY A 6 12.51 -23.19 -7.87
C GLY A 6 13.99 -22.94 -8.07
N THR A 7 14.32 -21.87 -8.78
CA THR A 7 15.67 -21.59 -9.21
C THR A 7 16.10 -20.23 -8.67
N SER A 8 17.35 -20.16 -8.23
CA SER A 8 17.83 -18.90 -7.68
C SER A 8 17.79 -17.84 -8.79
N GLY A 9 17.32 -16.63 -8.42
CA GLY A 9 17.39 -15.48 -9.29
C GLY A 9 16.19 -15.28 -10.16
N LEU A 10 15.20 -16.18 -10.11
CA LEU A 10 14.03 -16.13 -11.01
C LEU A 10 12.78 -15.90 -10.20
N ILE A 11 11.72 -15.53 -10.90
CA ILE A 11 10.41 -15.35 -10.32
C ILE A 11 9.44 -15.87 -11.37
N LEU A 12 8.29 -16.39 -10.92
CA LEU A 12 7.22 -16.84 -11.81
C LEU A 12 6.09 -15.86 -11.83
N LYS A 13 5.58 -15.59 -13.03
CA LYS A 13 4.45 -14.71 -13.25
C LYS A 13 3.36 -15.44 -14.03
N ARG A 14 2.09 -15.27 -13.62
CA ARG A 14 0.96 -15.95 -14.29
C ARG A 14 0.96 -15.62 -15.79
N CYS A 15 1.11 -16.66 -16.60
CA CYS A 15 1.10 -16.54 -18.07
C CYS A 15 -0.20 -15.94 -18.63
N SER A 16 -0.01 -15.06 -19.58
CA SER A 16 -1.06 -14.41 -20.35
C SER A 16 -0.53 -14.41 -21.78
N GLU A 17 -1.42 -14.50 -22.74
CA GLU A 17 -1.01 -14.73 -24.12
C GLU A 17 -0.30 -13.54 -24.72
N PRO A 18 -0.88 -12.34 -24.61
CA PRO A 18 -0.23 -11.20 -25.23
C PRO A 18 1.16 -11.01 -24.62
N GLU A 19 1.30 -11.20 -23.31
CA GLU A 19 2.60 -10.94 -22.63
C GLU A 19 3.61 -11.95 -23.05
N ARG A 20 3.16 -13.20 -23.19
CA ARG A 20 4.05 -14.26 -23.58
C ARG A 20 4.54 -14.03 -24.98
N TYR A 21 3.65 -13.57 -25.84
CA TYR A 21 4.03 -13.33 -27.23
C TYR A 21 5.10 -12.20 -27.24
N CYS A 22 4.80 -11.13 -26.51
CA CYS A 22 5.72 -9.98 -26.37
C CYS A 22 7.11 -10.31 -25.84
N LEU A 23 7.20 -10.99 -24.69
CA LEU A 23 8.50 -11.36 -24.15
C LEU A 23 9.38 -12.15 -25.10
N ALA A 24 8.80 -13.12 -25.82
CA ALA A 24 9.56 -13.91 -26.78
C ALA A 24 10.17 -13.01 -27.85
N ARG A 25 9.36 -12.12 -28.38
CA ARG A 25 9.79 -11.17 -29.37
C ARG A 25 10.92 -10.27 -28.82
N LEU A 26 10.76 -9.80 -27.58
CA LEU A 26 11.68 -8.85 -27.01
C LEU A 26 13.04 -9.47 -26.75
N MET A 27 13.10 -10.78 -26.41
CA MET A 27 14.37 -11.42 -26.20
C MET A 27 15.28 -11.36 -27.49
N ALA A 28 14.68 -11.12 -28.67
CA ALA A 28 15.42 -11.03 -29.94
C ALA A 28 15.38 -9.63 -30.53
N ASP A 29 15.08 -8.64 -29.72
CA ASP A 29 14.92 -7.29 -30.21
C ASP A 29 15.99 -6.44 -29.61
N ALA A 30 16.18 -5.23 -30.13
CA ALA A 30 17.06 -4.22 -29.52
C ALA A 30 16.76 -4.05 -28.00
N LEU A 31 15.48 -4.19 -27.62
CA LEU A 31 15.04 -4.00 -26.21
C LEU A 31 15.35 -5.14 -25.26
N ARG A 32 16.01 -6.17 -25.76
CA ARG A 32 16.33 -7.34 -24.97
C ARG A 32 16.84 -7.02 -23.57
N GLY A 33 17.79 -6.09 -23.46
CA GLY A 33 18.42 -5.77 -22.19
C GLY A 33 17.65 -4.80 -21.29
N CYS A 34 16.61 -4.21 -21.85
CA CYS A 34 15.73 -3.27 -21.17
C CYS A 34 14.51 -3.91 -20.53
N VAL A 35 14.40 -5.22 -20.59
CA VAL A 35 13.26 -5.93 -20.03
C VAL A 35 13.81 -7.14 -19.26
N PRO A 36 13.03 -7.72 -18.32
CA PRO A 36 13.47 -8.88 -17.60
C PRO A 36 13.68 -10.06 -18.60
N ALA A 37 14.74 -10.81 -18.38
CA ALA A 37 15.04 -12.03 -19.13
C ALA A 37 13.82 -12.91 -19.05
N PHE A 38 13.42 -13.48 -20.19
CA PHE A 38 12.29 -14.40 -20.26
C PHE A 38 12.85 -15.77 -20.68
N HIS A 39 12.63 -16.78 -19.83
CA HIS A 39 13.30 -18.08 -19.98
C HIS A 39 12.37 -19.21 -20.41
N GLY A 40 11.11 -18.91 -20.71
CA GLY A 40 10.13 -19.88 -21.14
C GLY A 40 8.94 -19.95 -20.19
N VAL A 41 7.93 -20.75 -20.52
CA VAL A 41 6.84 -21.03 -19.60
C VAL A 41 7.00 -22.36 -18.84
N VAL A 42 6.53 -22.41 -17.60
CA VAL A 42 6.52 -23.65 -16.81
C VAL A 42 5.15 -23.93 -16.20
N GLU A 43 4.92 -25.19 -15.84
CA GLU A 43 3.65 -25.61 -15.23
C GLU A 43 3.84 -25.71 -13.72
N ARG A 44 2.87 -25.28 -12.91
CA ARG A 44 2.98 -25.44 -11.46
C ARG A 44 1.73 -26.12 -10.83
N ASP A 45 0.71 -25.36 -10.44
CA ASP A 45 -0.52 -26.01 -9.95
C ASP A 45 -1.50 -26.27 -11.10
N GLY A 46 -1.10 -27.12 -12.05
CA GLY A 46 -1.78 -27.25 -13.34
C GLY A 46 -1.95 -25.93 -14.07
N GLU A 47 -1.02 -25.01 -13.78
CA GLU A 47 -1.07 -23.60 -14.22
C GLU A 47 0.26 -23.22 -14.85
N SER A 48 0.16 -22.48 -15.95
CA SER A 48 1.33 -22.00 -16.68
C SER A 48 1.85 -20.66 -16.14
N TYR A 49 3.17 -20.51 -16.12
CA TYR A 49 3.81 -19.29 -15.60
C TYR A 49 4.97 -18.86 -16.49
N LEU A 50 5.03 -17.56 -16.79
CA LEU A 50 6.27 -16.98 -17.28
C LEU A 50 7.41 -17.19 -16.28
N GLN A 51 8.51 -17.78 -16.75
CA GLN A 51 9.71 -17.83 -15.98
C GLN A 51 10.54 -16.55 -16.28
N LEU A 52 10.58 -15.62 -15.32
CA LEU A 52 11.31 -14.33 -15.45
C LEU A 52 12.51 -14.14 -14.51
N GLN A 53 13.50 -13.42 -15.00
CA GLN A 53 14.47 -12.79 -14.12
C GLN A 53 13.76 -11.99 -13.03
N ASP A 54 14.16 -12.22 -11.80
CA ASP A 54 13.78 -11.39 -10.65
C ASP A 54 14.69 -10.20 -10.65
N LEU A 55 14.12 -9.06 -11.00
CA LEU A 55 14.85 -7.79 -11.18
C LEU A 55 15.46 -7.30 -9.88
N LEU A 56 14.95 -7.76 -8.74
CA LEU A 56 15.44 -7.36 -7.42
C LEU A 56 16.61 -8.18 -6.92
N ASP A 57 16.85 -9.34 -7.51
CA ASP A 57 18.01 -10.15 -7.20
C ASP A 57 19.23 -9.27 -7.52
N GLY A 58 20.31 -9.43 -6.79
CA GLY A 58 21.42 -8.51 -7.03
C GLY A 58 21.39 -7.16 -6.30
N PHE A 59 20.23 -6.67 -5.87
CA PHE A 59 20.15 -5.51 -5.00
C PHE A 59 20.10 -5.88 -3.48
N ASP A 60 20.68 -5.02 -2.64
CA ASP A 60 20.64 -5.18 -1.19
C ASP A 60 19.57 -4.26 -0.54
N GLY A 61 18.40 -4.82 -0.23
CA GLY A 61 17.28 -4.08 0.32
C GLY A 61 16.74 -3.07 -0.67
N PRO A 62 16.23 -3.51 -1.80
CA PRO A 62 15.85 -2.56 -2.86
C PRO A 62 14.64 -1.70 -2.58
N CYS A 63 14.71 -0.47 -3.08
CA CYS A 63 13.67 0.51 -3.17
C CYS A 63 13.15 0.38 -4.60
N VAL A 64 11.82 0.38 -4.78
CA VAL A 64 11.18 0.09 -6.07
C VAL A 64 10.12 1.17 -6.36
N LEU A 65 10.13 1.71 -7.57
CA LEU A 65 9.12 2.63 -8.04
C LEU A 65 8.59 2.13 -9.38
N ASP A 66 7.25 2.03 -9.48
CA ASP A 66 6.53 1.59 -10.69
C ASP A 66 5.87 2.82 -11.34
N CYS A 67 6.25 3.08 -12.57
CA CYS A 67 5.74 4.17 -13.34
C CYS A 67 4.97 3.66 -14.55
N LYS A 68 3.64 3.78 -14.57
CA LYS A 68 2.85 3.36 -15.77
C LYS A 68 3.06 4.33 -16.90
N MET A 69 3.52 3.83 -18.04
CA MET A 69 3.86 4.66 -19.18
C MET A 69 2.69 4.75 -20.16
N GLY A 70 2.51 5.95 -20.68
CA GLY A 70 1.55 6.23 -21.74
C GLY A 70 0.53 7.29 -21.39
N VAL A 71 -0.02 7.93 -22.41
CA VAL A 71 -1.05 8.88 -22.20
C VAL A 71 -2.37 8.16 -22.15
N ARG A 72 -2.40 6.95 -22.66
CA ARG A 72 -3.59 6.15 -22.72
C ARG A 72 -3.28 4.82 -22.07
N THR A 73 -4.22 4.32 -21.26
CA THR A 73 -4.01 3.18 -20.33
C THR A 73 -4.96 2.00 -20.54
N TYR A 74 -5.78 2.13 -21.59
CA TYR A 74 -6.69 1.07 -22.05
C TYR A 74 -6.61 0.93 -23.59
N LEU A 75 -6.88 -0.28 -24.06
CA LEU A 75 -7.01 -0.55 -25.48
C LEU A 75 -8.26 0.12 -26.10
N GLU A 76 -8.16 0.55 -27.36
CA GLU A 76 -9.30 1.05 -28.14
C GLU A 76 -10.45 0.09 -28.27
N GLU A 77 -10.19 -1.21 -28.18
CA GLU A 77 -11.24 -2.23 -28.32
C GLU A 77 -12.13 -2.21 -27.08
N GLU A 78 -11.61 -1.70 -25.97
CA GLU A 78 -12.42 -1.49 -24.78
C GLU A 78 -13.45 -0.38 -24.99
N LEU A 79 -13.15 0.56 -25.89
CA LEU A 79 -14.10 1.63 -26.29
C LEU A 79 -15.24 1.10 -27.11
N THR A 80 -14.89 0.23 -28.06
CA THR A 80 -15.86 -0.55 -28.84
C THR A 80 -16.75 -1.41 -27.98
N LYS A 81 -16.14 -2.12 -27.03
CA LYS A 81 -16.85 -2.98 -26.11
C LYS A 81 -17.86 -2.18 -25.30
N ALA A 82 -17.44 -1.03 -24.81
CA ALA A 82 -18.29 -0.19 -23.97
C ALA A 82 -19.45 0.43 -24.72
N ARG A 83 -19.39 0.45 -26.04
CA ARG A 83 -20.42 1.10 -26.83
C ARG A 83 -21.46 0.08 -27.32
N GLU A 84 -20.98 -1.10 -27.70
CA GLU A 84 -21.86 -2.19 -28.10
C GLU A 84 -22.50 -2.93 -26.92
N ARG A 85 -21.78 -3.03 -25.79
CA ARG A 85 -22.14 -3.96 -24.72
C ARG A 85 -21.45 -3.64 -23.41
N PRO A 86 -21.90 -2.58 -22.71
CA PRO A 86 -21.22 -2.10 -21.51
C PRO A 86 -21.43 -2.98 -20.30
N LYS A 87 -20.34 -3.22 -19.55
CA LYS A 87 -20.36 -3.94 -18.27
C LYS A 87 -20.08 -2.92 -17.17
N LEU A 88 -21.12 -2.55 -16.46
CA LEU A 88 -20.99 -1.51 -15.46
C LEU A 88 -20.26 -2.06 -14.24
N ARG A 89 -19.35 -1.26 -13.72
CA ARG A 89 -18.45 -1.69 -12.66
C ARG A 89 -18.77 -0.84 -11.47
N LYS A 90 -19.27 -1.45 -10.39
CA LYS A 90 -19.73 -0.67 -9.25
C LYS A 90 -18.52 -0.19 -8.44
N ASP A 91 -17.51 -1.06 -8.35
CA ASP A 91 -16.18 -0.67 -7.80
C ASP A 91 -15.56 0.58 -8.44
N MET A 92 -15.51 0.61 -9.78
CA MET A 92 -14.83 1.66 -10.52
C MET A 92 -15.63 2.93 -10.21
N TYR A 93 -16.93 2.78 -9.85
CA TYR A 93 -17.77 3.89 -9.35
C TYR A 93 -17.44 4.48 -7.95
N LYS A 94 -17.25 3.68 -6.90
CA LYS A 94 -17.21 4.26 -5.50
C LYS A 94 -15.97 5.16 -5.19
N LYS A 95 -14.89 4.83 -5.87
CA LYS A 95 -13.64 5.58 -5.80
C LYS A 95 -13.84 7.04 -6.33
N MET A 96 -14.52 7.14 -7.45
CA MET A 96 -14.77 8.43 -8.05
C MET A 96 -15.48 9.39 -7.09
N LEU A 97 -16.45 8.89 -6.35
CA LEU A 97 -17.05 9.72 -5.31
C LEU A 97 -16.02 10.15 -4.23
N ALA A 98 -15.12 9.22 -3.89
CA ALA A 98 -13.97 9.48 -2.99
C ALA A 98 -13.01 10.58 -3.51
N VAL A 99 -12.41 10.34 -4.67
CA VAL A 99 -11.47 11.31 -5.19
C VAL A 99 -12.21 12.61 -5.55
N ASP A 100 -13.38 12.50 -6.20
CA ASP A 100 -14.13 13.69 -6.65
C ASP A 100 -15.61 13.42 -6.68
N PRO A 101 -16.32 13.93 -5.68
CA PRO A 101 -17.76 13.62 -5.59
C PRO A 101 -18.58 14.18 -6.78
N GLU A 102 -18.19 15.30 -7.37
CA GLU A 102 -18.86 15.83 -8.57
C GLU A 102 -18.38 15.18 -9.90
N ALA A 103 -17.63 14.07 -9.82
CA ALA A 103 -17.03 13.51 -11.05
C ALA A 103 -18.03 12.65 -11.82
N PRO A 104 -18.67 11.67 -11.19
CA PRO A 104 -19.72 10.93 -11.88
C PRO A 104 -20.84 11.79 -12.38
N THR A 105 -21.43 11.33 -13.49
CA THR A 105 -22.58 12.02 -14.06
C THR A 105 -23.80 11.71 -13.22
N GLU A 106 -24.85 12.52 -13.40
CA GLU A 106 -26.13 12.16 -12.78
C GLU A 106 -26.46 10.68 -13.08
N GLU A 107 -26.21 10.19 -14.31
CA GLU A 107 -26.61 8.81 -14.67
C GLU A 107 -25.74 7.75 -14.06
N GLU A 108 -24.45 8.06 -13.93
CA GLU A 108 -23.50 7.08 -13.37
C GLU A 108 -23.85 6.79 -11.92
N HIS A 109 -24.20 7.84 -11.19
CA HIS A 109 -24.75 7.80 -9.83
C HIS A 109 -26.03 6.95 -9.69
N ALA A 110 -27.06 7.24 -10.50
CA ALA A 110 -28.23 6.33 -10.58
C ALA A 110 -27.84 4.88 -10.84
N GLN A 111 -26.87 4.65 -11.74
CA GLN A 111 -26.32 3.33 -12.02
C GLN A 111 -25.44 2.86 -10.84
N ARG A 112 -24.89 3.83 -10.09
CA ARG A 112 -23.80 3.54 -9.14
C ARG A 112 -22.73 2.69 -9.81
N ALA A 113 -22.43 3.02 -11.06
CA ALA A 113 -21.56 2.19 -11.89
C ALA A 113 -21.12 2.93 -13.19
N VAL A 114 -19.99 2.49 -13.74
CA VAL A 114 -19.24 3.28 -14.72
C VAL A 114 -18.65 2.30 -15.73
N THR A 115 -18.41 2.69 -16.99
CA THR A 115 -17.68 1.82 -17.92
C THR A 115 -16.19 1.81 -17.61
N LYS A 116 -15.48 0.86 -18.23
CA LYS A 116 -14.01 0.74 -18.06
C LYS A 116 -13.29 1.95 -18.67
N PRO A 117 -13.39 2.19 -19.98
CA PRO A 117 -12.74 3.37 -20.57
C PRO A 117 -13.03 4.67 -19.82
N ARG A 118 -14.25 4.86 -19.36
CA ARG A 118 -14.58 6.06 -18.63
C ARG A 118 -13.79 6.15 -17.35
N TYR A 119 -13.73 5.06 -16.62
CA TYR A 119 -13.04 5.04 -15.33
C TYR A 119 -11.55 5.37 -15.54
N MET A 120 -11.01 4.72 -16.56
CA MET A 120 -9.59 4.82 -16.92
C MET A 120 -9.24 6.21 -17.44
N GLN A 121 -10.09 6.80 -18.26
CA GLN A 121 -9.88 8.20 -18.72
C GLN A 121 -9.88 9.24 -17.61
N TRP A 122 -10.80 9.07 -16.68
CA TRP A 122 -10.77 9.86 -15.49
C TRP A 122 -9.45 9.68 -14.64
N ARG A 123 -8.97 8.45 -14.46
CA ARG A 123 -7.67 8.20 -13.73
C ARG A 123 -6.51 8.89 -14.45
N GLU A 124 -6.56 8.86 -15.78
CA GLU A 124 -5.55 9.49 -16.61
C GLU A 124 -5.51 11.00 -16.32
N GLY A 125 -6.69 11.59 -16.10
CA GLY A 125 -6.81 13.02 -16.09
C GLY A 125 -6.59 13.67 -14.75
N ILE A 126 -6.75 12.94 -13.65
CA ILE A 126 -6.48 13.44 -12.29
C ILE A 126 -5.03 13.16 -11.85
N SER A 127 -4.41 12.23 -12.56
CA SER A 127 -2.96 12.01 -12.43
C SER A 127 -2.20 12.69 -13.57
N SER A 128 -0.91 12.35 -13.70
CA SER A 128 -0.11 12.97 -14.74
C SER A 128 -0.23 12.28 -16.10
N SER A 129 -0.97 11.18 -16.23
CA SER A 129 -0.93 10.45 -17.52
C SER A 129 -1.34 11.30 -18.73
N THR A 130 -2.52 11.92 -18.67
CA THR A 130 -2.99 12.68 -19.81
C THR A 130 -2.00 13.79 -20.21
N THR A 131 -1.46 14.52 -19.25
CA THR A 131 -0.68 15.71 -19.57
C THR A 131 0.82 15.45 -19.79
N LEU A 132 1.39 14.51 -19.04
CA LEU A 132 2.85 14.19 -19.08
C LEU A 132 3.19 12.83 -19.73
N GLY A 133 2.18 11.96 -19.89
CA GLY A 133 2.31 10.70 -20.53
C GLY A 133 2.91 9.59 -19.71
N PHE A 134 2.88 9.75 -18.39
CA PHE A 134 3.18 8.69 -17.46
C PHE A 134 2.49 9.00 -16.13
N ARG A 135 2.52 8.04 -15.22
CA ARG A 135 2.20 8.30 -13.83
C ARG A 135 2.86 7.35 -12.87
N ILE A 136 3.05 7.81 -11.65
CA ILE A 136 3.62 6.99 -10.65
C ILE A 136 2.51 6.11 -10.06
N GLU A 137 2.74 4.82 -9.98
CA GLU A 137 1.72 3.90 -9.46
C GLU A 137 1.97 3.47 -8.01
N GLY A 138 3.22 3.22 -7.69
CA GLY A 138 3.55 2.72 -6.36
C GLY A 138 5.01 2.82 -6.04
N ILE A 139 5.31 2.87 -4.74
CA ILE A 139 6.67 2.73 -4.27
C ILE A 139 6.73 1.66 -3.20
N LYS A 140 7.80 0.90 -3.24
CA LYS A 140 8.02 -0.23 -2.36
C LYS A 140 9.34 0.07 -1.75
N LYS A 141 9.51 -0.29 -0.50
CA LYS A 141 10.69 0.26 0.12
C LYS A 141 11.51 -0.74 0.79
N ALA A 142 12.71 -0.25 1.06
CA ALA A 142 13.71 -0.99 1.76
C ALA A 142 13.22 -1.09 3.23
N ASP A 143 12.70 0.01 3.80
CA ASP A 143 12.15 -0.05 5.19
C ASP A 143 10.86 -0.92 5.41
N GLY A 144 10.39 -1.58 4.35
CA GLY A 144 9.17 -2.36 4.40
C GLY A 144 7.97 -1.56 3.91
N SER A 145 8.08 -0.23 3.94
CA SER A 145 6.96 0.64 3.64
C SER A 145 6.63 0.64 2.16
N CYS A 146 5.34 0.41 1.84
CA CYS A 146 4.77 0.55 0.51
C CYS A 146 3.70 1.62 0.47
N SER A 147 3.53 2.24 -0.69
CA SER A 147 2.49 3.19 -0.90
C SER A 147 2.02 3.19 -2.33
N THR A 148 0.68 3.23 -2.51
CA THR A 148 0.08 3.47 -3.82
C THR A 148 -0.70 4.75 -3.85
N ASP A 149 -0.47 5.60 -2.85
CA ASP A 149 -1.23 6.81 -2.70
C ASP A 149 -0.81 7.94 -3.64
N PHE A 150 -0.98 7.72 -4.95
CA PHE A 150 -0.52 8.67 -5.97
C PHE A 150 -1.58 9.07 -6.99
N LYS A 151 -2.86 8.85 -6.64
CA LYS A 151 -3.92 8.96 -7.64
C LYS A 151 -4.09 10.37 -8.16
N THR A 152 -3.77 11.36 -7.34
CA THR A 152 -3.83 12.75 -7.76
C THR A 152 -2.47 13.40 -7.87
N THR A 153 -1.47 12.63 -8.22
CA THR A 153 -0.13 13.17 -8.36
C THR A 153 -0.10 13.49 -9.85
N ARG A 154 -0.06 14.77 -10.17
CA ARG A 154 -0.34 15.19 -11.56
C ARG A 154 0.63 16.21 -12.17
N SER A 155 0.94 17.26 -11.42
CA SER A 155 1.80 18.31 -11.89
C SER A 155 3.27 17.84 -11.96
N ARG A 156 4.00 18.48 -12.84
CA ARG A 156 5.41 18.22 -13.01
C ARG A 156 6.14 18.24 -11.70
N GLU A 157 5.86 19.26 -10.91
CA GLU A 157 6.52 19.42 -9.63
C GLU A 157 6.12 18.40 -8.55
N GLN A 158 4.85 17.97 -8.49
CA GLN A 158 4.43 16.85 -7.62
C GLN A 158 5.16 15.55 -7.95
N VAL A 159 5.28 15.29 -9.25
CA VAL A 159 6.01 14.13 -9.71
C VAL A 159 7.47 14.22 -9.27
N LEU A 160 8.08 15.36 -9.48
CA LEU A 160 9.47 15.59 -9.12
C LEU A 160 9.68 15.34 -7.64
N ARG A 161 8.73 15.76 -6.80
CA ARG A 161 8.87 15.59 -5.37
C ARG A 161 8.74 14.15 -4.93
N VAL A 162 8.00 13.33 -5.65
CA VAL A 162 7.94 11.93 -5.35
C VAL A 162 9.33 11.25 -5.63
N PHE A 163 9.87 11.54 -6.79
CA PHE A 163 11.23 11.04 -7.09
C PHE A 163 12.31 11.58 -6.14
N GLU A 164 12.21 12.84 -5.76
CA GLU A 164 13.12 13.47 -4.75
C GLU A 164 13.07 12.67 -3.46
N GLU A 165 11.88 12.34 -3.00
CA GLU A 165 11.77 11.50 -1.80
C GLU A 165 12.25 10.03 -2.02
N PHE A 166 12.00 9.48 -3.20
CA PHE A 166 12.37 8.12 -3.51
C PHE A 166 13.90 7.96 -3.52
N VAL A 167 14.63 8.92 -4.07
CA VAL A 167 16.12 8.74 -4.18
C VAL A 167 16.90 9.20 -2.92
N GLN A 168 16.21 9.96 -2.07
CA GLN A 168 16.74 10.33 -0.74
C GLN A 168 18.15 10.95 -0.87
N GLY A 169 18.31 11.86 -1.83
CA GLY A 169 19.52 12.63 -2.01
C GLY A 169 20.74 11.86 -2.53
N ASP A 170 20.53 10.70 -3.12
CA ASP A 170 21.64 9.86 -3.59
C ASP A 170 21.87 10.29 -5.00
N GLU A 171 22.90 11.14 -5.20
CA GLU A 171 23.22 11.67 -6.51
C GLU A 171 23.69 10.59 -7.51
N GLU A 172 24.26 9.51 -7.00
CA GLU A 172 24.79 8.46 -7.85
C GLU A 172 23.61 7.62 -8.40
N VAL A 173 22.62 7.36 -7.56
CA VAL A 173 21.45 6.66 -8.05
C VAL A 173 20.76 7.45 -9.09
N LEU A 174 20.52 8.74 -8.77
CA LEU A 174 19.83 9.57 -9.69
C LEU A 174 20.59 9.62 -11.04
N ARG A 175 21.91 9.73 -10.94
CA ARG A 175 22.72 9.80 -12.16
C ARG A 175 22.58 8.54 -12.96
N ARG A 176 22.68 7.41 -12.30
CA ARG A 176 22.53 6.12 -12.94
C ARG A 176 21.15 5.91 -13.59
N TYR A 177 20.10 6.32 -12.89
CA TYR A 177 18.76 6.30 -13.44
C TYR A 177 18.70 7.09 -14.71
N LEU A 178 19.29 8.27 -14.72
CA LEU A 178 19.14 9.10 -15.90
C LEU A 178 19.94 8.51 -17.07
N ASN A 179 21.11 7.97 -16.77
CA ASN A 179 21.94 7.35 -17.82
C ASN A 179 21.15 6.16 -18.39
N ARG A 180 20.48 5.40 -17.51
CA ARG A 180 19.71 4.24 -17.97
C ARG A 180 18.50 4.67 -18.82
N LEU A 181 17.75 5.67 -18.39
CA LEU A 181 16.65 6.17 -19.21
C LEU A 181 17.07 6.75 -20.55
N GLN A 182 18.20 7.48 -20.60
CA GLN A 182 18.69 7.98 -21.91
C GLN A 182 18.95 6.80 -22.84
N GLN A 183 19.57 5.72 -22.33
CA GLN A 183 19.97 4.56 -23.14
C GLN A 183 18.73 3.77 -23.56
N ILE A 184 17.74 3.69 -22.67
CA ILE A 184 16.40 3.10 -23.00
C ILE A 184 15.70 3.91 -24.10
N ARG A 185 15.62 5.22 -23.94
CA ARG A 185 15.04 6.00 -24.98
C ARG A 185 15.69 5.67 -26.33
N ASP A 186 17.02 5.56 -26.34
CA ASP A 186 17.75 5.34 -27.61
C ASP A 186 17.40 4.04 -28.24
N THR A 187 17.33 2.99 -27.43
CA THR A 187 16.86 1.70 -27.79
C THR A 187 15.44 1.64 -28.29
N LEU A 188 14.50 2.26 -27.59
CA LEU A 188 13.13 2.32 -28.05
C LEU A 188 13.02 2.98 -29.45
N GLU A 189 13.78 4.03 -29.68
CA GLU A 189 13.73 4.75 -30.93
C GLU A 189 14.27 3.98 -32.15
N VAL A 190 15.05 2.93 -31.96
CA VAL A 190 15.45 2.07 -33.09
C VAL A 190 14.83 0.67 -33.03
N SER A 191 14.10 0.36 -31.95
CA SER A 191 13.55 -1.00 -31.77
C SER A 191 12.51 -1.33 -32.84
N GLU A 192 12.65 -2.49 -33.44
CA GLU A 192 11.64 -3.00 -34.38
C GLU A 192 10.33 -3.41 -33.65
N PHE A 193 10.46 -4.16 -32.57
CA PHE A 193 9.33 -4.34 -31.69
C PHE A 193 8.58 -3.03 -31.42
N PHE A 194 9.25 -1.97 -30.95
CA PHE A 194 8.54 -0.78 -30.49
C PHE A 194 7.75 -0.03 -31.59
N ARG A 195 8.29 0.03 -32.78
CA ARG A 195 7.60 0.78 -33.80
C ARG A 195 6.45 -0.02 -34.35
N ARG A 196 6.46 -1.36 -34.18
CA ARG A 196 5.35 -2.22 -34.62
C ARG A 196 4.27 -2.58 -33.55
N HIS A 197 4.38 -2.02 -32.34
CA HIS A 197 3.44 -2.37 -31.27
C HIS A 197 2.95 -1.12 -30.55
N GLU A 198 1.67 -1.14 -30.20
CA GLU A 198 1.01 -0.19 -29.35
C GLU A 198 1.27 -0.68 -27.92
N VAL A 199 1.99 0.10 -27.16
CA VAL A 199 2.41 -0.29 -25.82
C VAL A 199 1.57 0.41 -24.77
N ILE A 200 0.57 -0.33 -24.26
CA ILE A 200 -0.42 0.16 -23.34
C ILE A 200 -0.35 -0.61 -22.03
N GLY A 201 -0.38 0.11 -20.93
CA GLY A 201 -0.43 -0.54 -19.62
C GLY A 201 0.89 -1.10 -19.12
N SER A 202 2.02 -0.77 -19.79
CA SER A 202 3.29 -1.22 -19.31
C SER A 202 3.85 -0.17 -18.35
N SER A 203 4.87 -0.53 -17.61
CA SER A 203 5.57 0.35 -16.72
C SER A 203 7.08 0.31 -16.89
N LEU A 204 7.71 1.38 -16.43
CA LEU A 204 9.13 1.41 -16.13
C LEU A 204 9.24 1.18 -14.63
N LEU A 205 9.97 0.13 -14.27
CA LEU A 205 10.31 -0.21 -12.92
C LEU A 205 11.71 0.33 -12.56
N PHE A 206 11.77 1.31 -11.65
CA PHE A 206 13.01 1.79 -11.04
C PHE A 206 13.39 1.03 -9.80
N VAL A 207 14.65 0.57 -9.71
CA VAL A 207 15.11 -0.23 -8.59
C VAL A 207 16.49 0.30 -8.15
N HIS A 208 16.63 0.65 -6.85
CA HIS A 208 17.92 1.07 -6.33
C HIS A 208 18.11 0.55 -4.92
N ASP A 209 19.35 0.59 -4.45
CA ASP A 209 19.67 0.22 -3.10
C ASP A 209 20.68 1.18 -2.39
N HIS A 210 21.00 0.88 -1.14
CA HIS A 210 21.80 1.80 -0.35
C HIS A 210 23.26 1.67 -0.72
N CYS A 211 23.57 0.69 -1.56
CA CYS A 211 24.90 0.56 -2.18
C CYS A 211 25.05 1.32 -3.47
N HIS A 212 24.01 2.07 -3.82
CA HIS A 212 24.01 2.94 -4.97
C HIS A 212 23.80 2.20 -6.29
N ARG A 213 23.50 0.93 -6.22
CA ARG A 213 23.08 0.16 -7.40
C ARG A 213 21.72 0.68 -7.88
N ALA A 214 21.57 0.87 -9.19
CA ALA A 214 20.34 1.41 -9.76
C ALA A 214 20.07 0.78 -11.14
N GLY A 215 18.83 0.39 -11.41
CA GLY A 215 18.45 -0.12 -12.72
C GLY A 215 17.02 0.30 -13.01
N VAL A 216 16.66 0.20 -14.27
CA VAL A 216 15.33 0.46 -14.77
C VAL A 216 15.05 -0.53 -15.88
N TRP A 217 13.84 -1.07 -15.86
CA TRP A 217 13.43 -2.01 -16.89
C TRP A 217 11.99 -1.77 -17.27
N LEU A 218 11.61 -2.07 -18.50
CA LEU A 218 10.21 -2.00 -18.92
C LEU A 218 9.59 -3.33 -18.46
N ILE A 219 8.35 -3.31 -17.92
CA ILE A 219 7.68 -4.53 -17.55
C ILE A 219 6.19 -4.40 -17.92
N ASP A 220 5.51 -5.54 -17.84
CA ASP A 220 4.06 -5.67 -18.01
C ASP A 220 3.58 -5.44 -19.44
N PHE A 221 3.67 -6.52 -20.22
CA PHE A 221 3.30 -6.46 -21.64
C PHE A 221 1.98 -7.16 -21.90
N GLY A 222 1.11 -7.19 -20.91
CA GLY A 222 -0.26 -7.74 -21.06
C GLY A 222 -1.26 -7.00 -21.93
N LYS A 223 -1.05 -5.71 -22.19
CA LYS A 223 -1.88 -4.98 -23.10
C LYS A 223 -1.10 -4.36 -24.26
N THR A 224 0.01 -5.01 -24.60
CA THR A 224 0.90 -4.58 -25.69
C THR A 224 0.63 -5.43 -26.94
N THR A 225 0.16 -4.81 -28.01
CA THR A 225 -0.45 -5.51 -29.14
C THR A 225 0.14 -5.03 -30.48
N PRO A 226 0.40 -5.94 -31.40
CA PRO A 226 0.95 -5.57 -32.72
C PRO A 226 0.01 -4.69 -33.53
N LEU A 227 0.55 -3.81 -34.35
CA LEU A 227 -0.30 -3.02 -35.21
C LEU A 227 -0.63 -3.85 -36.44
N PRO A 228 -1.75 -3.55 -37.10
CA PRO A 228 -2.06 -4.09 -38.43
C PRO A 228 -0.92 -3.94 -39.45
N ASP A 229 -0.83 -4.87 -40.41
CA ASP A 229 0.29 -5.01 -41.38
C ASP A 229 1.05 -3.74 -41.81
N GLY A 230 2.35 -3.70 -41.49
CA GLY A 230 3.22 -2.62 -41.96
C GLY A 230 2.86 -1.23 -41.45
N GLN A 231 2.08 -1.16 -40.39
CA GLN A 231 1.66 0.11 -39.82
C GLN A 231 2.54 0.32 -38.59
N ILE A 232 2.89 1.58 -38.31
CA ILE A 232 3.80 1.92 -37.21
C ILE A 232 3.37 3.21 -36.53
N LEU A 233 3.81 3.37 -35.28
CA LEU A 233 3.46 4.54 -34.49
C LEU A 233 4.70 5.43 -34.30
N ASP A 234 4.52 6.73 -34.03
CA ASP A 234 5.66 7.57 -33.58
C ASP A 234 5.76 7.67 -32.05
N HIS A 235 4.71 7.26 -31.33
CA HIS A 235 4.77 7.17 -29.86
C HIS A 235 4.95 8.53 -29.18
N ARG A 236 4.73 9.61 -29.93
CA ARG A 236 4.77 10.96 -29.39
C ARG A 236 3.46 11.77 -29.65
N ARG A 237 2.84 11.58 -30.80
CA ARG A 237 1.72 12.42 -31.22
C ARG A 237 0.48 12.04 -30.38
N PRO A 238 -0.42 13.02 -30.14
CA PRO A 238 -1.70 12.75 -29.47
C PRO A 238 -2.47 11.54 -29.98
N TRP A 239 -3.06 10.82 -29.03
CA TRP A 239 -3.92 9.72 -29.34
C TRP A 239 -5.27 10.31 -29.79
N GLU A 240 -5.78 9.81 -30.91
CA GLU A 240 -7.16 10.02 -31.39
C GLU A 240 -7.69 8.66 -31.80
N GLU A 241 -8.84 8.28 -31.23
CA GLU A 241 -9.41 6.99 -31.51
C GLU A 241 -9.33 6.68 -33.04
N GLY A 242 -8.82 5.50 -33.38
CA GLY A 242 -8.43 5.17 -34.75
C GLY A 242 -6.94 5.04 -34.92
N ASN A 243 -6.13 5.96 -34.39
CA ASN A 243 -4.65 5.96 -34.63
C ASN A 243 -3.74 5.04 -33.72
N ARG A 244 -4.30 4.56 -32.62
CA ARG A 244 -3.66 3.57 -31.75
C ARG A 244 -2.41 4.12 -31.04
N GLU A 245 -2.26 5.41 -31.02
CA GLU A 245 -1.06 6.06 -30.48
C GLU A 245 -1.11 5.98 -28.95
N ASP A 246 0.05 5.80 -28.32
CA ASP A 246 0.12 5.55 -26.87
C ASP A 246 0.84 6.63 -26.08
N GLY A 247 1.44 7.59 -26.76
CA GLY A 247 2.22 8.63 -26.12
C GLY A 247 3.36 8.12 -25.22
N TYR A 248 3.81 6.90 -25.44
CA TYR A 248 4.89 6.30 -24.62
C TYR A 248 6.13 7.21 -24.55
N LEU A 249 6.57 7.73 -25.69
CA LEU A 249 7.79 8.50 -25.75
C LEU A 249 7.61 9.92 -25.28
N LEU A 250 6.41 10.49 -25.44
CA LEU A 250 6.07 11.72 -24.75
C LEU A 250 6.28 11.55 -23.25
N GLY A 251 5.83 10.41 -22.71
CA GLY A 251 6.03 10.11 -21.30
C GLY A 251 7.50 10.02 -20.91
N LEU A 252 8.26 9.28 -21.72
CA LEU A 252 9.65 9.06 -21.45
C LEU A 252 10.42 10.39 -21.51
N ASP A 253 10.13 11.21 -22.51
CA ASP A 253 10.75 12.52 -22.70
C ASP A 253 10.53 13.30 -21.46
N ASN A 254 9.26 13.41 -21.01
CA ASN A 254 8.95 14.18 -19.82
C ASN A 254 9.58 13.60 -18.60
N LEU A 255 9.59 12.29 -18.45
CA LEU A 255 10.25 11.68 -17.29
C LEU A 255 11.74 11.98 -17.18
N ILE A 256 12.46 11.85 -18.30
CA ILE A 256 13.87 12.23 -18.38
C ILE A 256 14.06 13.68 -17.97
N GLY A 257 13.22 14.55 -18.50
CA GLY A 257 13.25 15.97 -18.19
C GLY A 257 13.11 16.27 -16.73
N ILE A 258 12.20 15.56 -16.06
CA ILE A 258 11.93 15.81 -14.67
C ILE A 258 13.13 15.33 -13.83
N LEU A 259 13.64 14.14 -14.15
CA LEU A 259 14.87 13.65 -13.50
C LEU A 259 16.11 14.55 -13.70
N ALA A 260 16.33 15.04 -14.92
CA ALA A 260 17.41 15.97 -15.21
C ALA A 260 17.22 17.25 -14.39
N SER A 261 15.96 17.67 -14.21
CA SER A 261 15.64 18.85 -13.40
C SER A 261 15.98 18.62 -11.96
N LEU A 262 15.55 17.48 -11.46
CA LEU A 262 15.82 17.11 -10.11
C LEU A 262 17.33 17.08 -9.84
N ALA A 263 18.12 16.57 -10.79
CA ALA A 263 19.55 16.44 -10.55
C ALA A 263 20.25 17.78 -10.43
N GLU A 264 19.66 18.82 -11.01
CA GLU A 264 20.21 20.19 -10.90
C GLU A 264 19.72 20.99 -9.69
N ARG A 265 18.82 20.44 -8.88
CA ARG A 265 18.33 21.12 -7.68
C ARG A 265 19.44 21.12 -6.63
N SER B 1 -4.05 -14.49 6.72
CA SER B 1 -4.55 -13.88 8.01
C SER B 1 -6.09 -13.79 8.07
N PHE B 2 -6.70 -13.04 7.15
CA PHE B 2 -8.17 -12.94 7.07
C PHE B 2 -8.76 -13.70 5.86
N LYS B 3 -9.97 -14.22 6.02
CA LYS B 3 -10.70 -14.86 4.92
C LYS B 3 -12.12 -14.38 4.88
N ALA B 4 -12.76 -14.41 3.70
CA ALA B 4 -14.17 -14.03 3.64
C ALA B 4 -14.96 -15.01 4.50
N ALA B 5 -15.92 -14.52 5.27
CA ALA B 5 -16.83 -15.40 5.98
C ALA B 5 -18.05 -15.62 5.10
N GLY B 6 -18.87 -16.61 5.43
CA GLY B 6 -20.08 -16.88 4.66
C GLY B 6 -21.24 -15.94 4.94
N THR B 7 -21.30 -15.39 6.16
CA THR B 7 -22.40 -14.53 6.63
C THR B 7 -22.12 -13.09 6.24
N SER B 8 -23.18 -12.36 5.91
CA SER B 8 -23.04 -10.94 5.64
C SER B 8 -22.67 -10.22 6.94
N GLY B 9 -21.70 -9.32 6.84
CA GLY B 9 -21.22 -8.53 7.95
C GLY B 9 -20.15 -9.16 8.80
N LEU B 10 -19.71 -10.38 8.47
CA LEU B 10 -18.72 -11.05 9.28
C LEU B 10 -17.44 -11.19 8.50
N ILE B 11 -16.40 -11.63 9.19
CA ILE B 11 -15.11 -11.88 8.56
C ILE B 11 -14.44 -12.87 9.43
N LEU B 12 -13.56 -13.70 8.87
CA LEU B 12 -12.82 -14.71 9.60
C LEU B 12 -11.36 -14.28 9.75
N LYS B 13 -10.78 -14.60 10.91
CA LYS B 13 -9.38 -14.33 11.27
C LYS B 13 -8.79 -15.60 11.85
N ARG B 14 -7.65 -16.01 11.32
CA ARG B 14 -6.93 -17.19 11.80
C ARG B 14 -6.92 -17.12 13.31
N CYS B 15 -7.40 -18.19 13.93
CA CYS B 15 -7.47 -18.25 15.37
C CYS B 15 -6.10 -18.55 16.00
N SER B 16 -5.84 -17.89 17.12
CA SER B 16 -4.69 -18.11 17.98
C SER B 16 -5.18 -18.03 19.43
N GLU B 17 -4.56 -18.75 20.36
CA GLU B 17 -5.24 -18.93 21.64
C GLU B 17 -5.26 -17.69 22.53
N PRO B 18 -4.21 -16.89 22.56
CA PRO B 18 -4.29 -15.66 23.34
C PRO B 18 -5.45 -14.77 22.83
N GLU B 19 -5.57 -14.58 21.52
CA GLU B 19 -6.61 -13.68 20.98
C GLU B 19 -7.98 -14.19 21.26
N ARG B 20 -8.20 -15.50 21.10
CA ARG B 20 -9.48 -16.10 21.41
C ARG B 20 -9.84 -15.87 22.87
N TYR B 21 -8.88 -16.08 23.78
CA TYR B 21 -9.15 -15.93 25.20
C TYR B 21 -9.60 -14.48 25.47
N CYS B 22 -8.91 -13.53 24.86
CA CYS B 22 -9.16 -12.10 25.06
C CYS B 22 -10.55 -11.68 24.57
N LEU B 23 -10.88 -12.07 23.36
CA LEU B 23 -12.17 -11.66 22.79
C LEU B 23 -13.32 -12.25 23.52
N ALA B 24 -13.16 -13.47 24.05
CA ALA B 24 -14.21 -14.06 24.87
C ALA B 24 -14.44 -13.25 26.13
N ARG B 25 -13.37 -12.93 26.83
CA ARG B 25 -13.43 -12.00 27.97
C ARG B 25 -14.05 -10.67 27.62
N LEU B 26 -13.71 -10.14 26.46
CA LEU B 26 -14.09 -8.77 26.11
C LEU B 26 -15.57 -8.65 25.85
N MET B 27 -16.20 -9.73 25.38
CA MET B 27 -17.65 -9.70 25.15
C MET B 27 -18.42 -9.57 26.43
N ALA B 28 -17.81 -9.92 27.55
CA ALA B 28 -18.49 -9.77 28.85
C ALA B 28 -17.90 -8.65 29.74
N ASP B 29 -17.20 -7.69 29.12
CA ASP B 29 -16.47 -6.62 29.82
C ASP B 29 -17.07 -5.29 29.40
N ALA B 30 -16.72 -4.25 30.12
CA ALA B 30 -17.11 -2.87 29.72
C ALA B 30 -16.66 -2.49 28.31
N LEU B 31 -15.59 -3.11 27.85
CA LEU B 31 -15.08 -2.90 26.50
C LEU B 31 -15.81 -3.58 25.38
N ARG B 32 -16.86 -4.31 25.70
CA ARG B 32 -17.63 -5.03 24.69
C ARG B 32 -17.94 -4.19 23.45
N GLY B 33 -18.41 -2.97 23.64
CA GLY B 33 -18.76 -2.11 22.54
C GLY B 33 -17.57 -1.50 21.79
N CYS B 34 -16.34 -1.65 22.28
CA CYS B 34 -15.19 -0.93 21.72
C CYS B 34 -14.29 -1.84 20.88
N VAL B 35 -14.74 -3.07 20.66
CA VAL B 35 -14.01 -4.13 19.96
C VAL B 35 -15.02 -4.85 19.06
N PRO B 36 -14.53 -5.51 18.01
CA PRO B 36 -15.40 -6.23 17.06
C PRO B 36 -16.17 -7.33 17.78
N ALA B 37 -17.46 -7.45 17.56
CA ALA B 37 -18.19 -8.60 18.09
C ALA B 37 -17.46 -9.92 17.77
N PHE B 38 -17.31 -10.80 18.77
CA PHE B 38 -16.68 -12.12 18.63
C PHE B 38 -17.77 -13.18 18.82
N HIS B 39 -18.04 -13.95 17.76
CA HIS B 39 -19.22 -14.84 17.74
C HIS B 39 -18.86 -16.29 18.02
N GLY B 40 -17.58 -16.56 18.14
CA GLY B 40 -17.12 -17.92 18.35
C GLY B 40 -16.07 -18.33 17.35
N VAL B 41 -15.69 -19.61 17.39
CA VAL B 41 -14.66 -20.18 16.54
C VAL B 41 -15.29 -21.21 15.60
N VAL B 42 -14.81 -21.24 14.36
CA VAL B 42 -15.35 -22.13 13.32
C VAL B 42 -14.20 -22.85 12.64
N GLU B 43 -14.41 -24.10 12.21
CA GLU B 43 -13.40 -24.74 11.36
C GLU B 43 -13.77 -24.46 9.89
N ARG B 44 -12.81 -23.91 9.15
CA ARG B 44 -12.95 -23.68 7.73
C ARG B 44 -11.81 -24.31 6.98
N ASP B 45 -12.15 -25.46 6.39
CA ASP B 45 -11.41 -26.06 5.30
C ASP B 45 -9.94 -26.06 5.68
N GLY B 46 -9.66 -26.87 6.70
CA GLY B 46 -8.33 -27.07 7.24
C GLY B 46 -8.25 -26.66 8.71
N GLU B 47 -8.55 -25.38 9.01
CA GLU B 47 -8.22 -24.79 10.31
C GLU B 47 -9.28 -23.92 10.99
N SER B 48 -8.96 -23.52 12.23
CA SER B 48 -9.86 -22.73 13.07
C SER B 48 -9.78 -21.21 12.81
N TYR B 49 -10.95 -20.55 12.88
CA TYR B 49 -11.01 -19.12 12.73
C TYR B 49 -11.88 -18.51 13.83
N LEU B 50 -11.52 -17.29 14.22
CA LEU B 50 -12.43 -16.42 14.92
C LEU B 50 -13.40 -15.85 13.91
N GLN B 51 -14.70 -15.95 14.17
CA GLN B 51 -15.67 -15.26 13.35
C GLN B 51 -15.97 -13.92 14.05
N LEU B 52 -15.70 -12.84 13.33
CA LEU B 52 -15.74 -11.50 13.86
C LEU B 52 -16.67 -10.67 13.06
N GLN B 53 -17.20 -9.64 13.70
CA GLN B 53 -17.80 -8.53 13.02
C GLN B 53 -16.76 -7.96 12.02
N ASP B 54 -17.21 -7.70 10.80
CA ASP B 54 -16.48 -6.89 9.86
C ASP B 54 -16.78 -5.46 10.14
N LEU B 55 -15.79 -4.76 10.68
CA LEU B 55 -15.99 -3.36 11.07
C LEU B 55 -16.23 -2.43 9.90
N LEU B 56 -15.90 -2.88 8.70
CA LEU B 56 -16.15 -2.04 7.51
C LEU B 56 -17.59 -2.12 6.98
N ASP B 57 -18.41 -3.00 7.52
CA ASP B 57 -19.73 -3.25 6.91
C ASP B 57 -20.62 -2.01 6.82
N GLY B 58 -20.73 -1.29 7.92
CA GLY B 58 -21.59 -0.15 7.98
C GLY B 58 -21.19 0.98 7.07
N PHE B 59 -20.01 0.93 6.45
CA PHE B 59 -19.47 2.10 5.79
C PHE B 59 -19.61 1.96 4.25
N ASP B 60 -19.70 3.08 3.59
CA ASP B 60 -19.74 3.14 2.13
C ASP B 60 -18.39 3.62 1.56
N GLY B 61 -17.54 2.66 1.21
CA GLY B 61 -16.20 2.95 0.69
C GLY B 61 -15.29 3.53 1.77
N PRO B 62 -15.06 2.77 2.83
CA PRO B 62 -14.35 3.27 4.00
C PRO B 62 -12.83 3.60 3.77
N CYS B 63 -12.32 4.61 4.47
CA CYS B 63 -10.87 4.90 4.68
C CYS B 63 -10.56 4.42 6.05
N VAL B 64 -9.37 3.82 6.20
CA VAL B 64 -9.06 3.08 7.42
C VAL B 64 -7.65 3.47 7.86
N LEU B 65 -7.49 3.85 9.11
CA LEU B 65 -6.14 4.10 9.65
C LEU B 65 -5.91 3.20 10.81
N ASP B 66 -4.75 2.54 10.80
CA ASP B 66 -4.37 1.58 11.81
C ASP B 66 -3.25 2.18 12.68
N CYS B 67 -3.50 2.30 14.00
CA CYS B 67 -2.58 2.96 14.89
C CYS B 67 -2.19 1.94 16.03
N LYS B 68 -0.92 1.51 16.06
CA LYS B 68 -0.46 0.49 17.01
C LYS B 68 -0.26 1.18 18.37
N MET B 69 -0.90 0.67 19.42
CA MET B 69 -0.93 1.34 20.74
C MET B 69 0.12 0.76 21.66
N GLY B 70 0.81 1.65 22.39
CA GLY B 70 1.73 1.23 23.43
C GLY B 70 3.14 1.76 23.23
N VAL B 71 3.81 2.02 24.35
CA VAL B 71 5.18 2.48 24.28
C VAL B 71 6.10 1.33 23.90
N ARG B 72 5.66 0.11 24.16
CA ARG B 72 6.37 -1.05 23.72
C ARG B 72 5.48 -2.13 23.05
N THR B 73 6.15 -2.85 22.15
CA THR B 73 5.52 -3.65 21.13
C THR B 73 5.93 -5.13 21.06
N TYR B 74 6.57 -5.64 22.11
CA TYR B 74 6.99 -7.04 22.23
C TYR B 74 6.74 -7.45 23.67
N LEU B 75 6.50 -8.74 23.92
CA LEU B 75 6.39 -9.25 25.29
C LEU B 75 7.75 -9.19 26.01
N GLU B 76 7.73 -9.19 27.35
CA GLU B 76 8.95 -9.16 28.18
C GLU B 76 9.67 -10.53 28.14
N GLU B 77 8.93 -11.59 27.80
CA GLU B 77 9.55 -12.92 27.59
C GLU B 77 10.60 -12.90 26.45
N GLU B 78 10.63 -11.84 25.67
CA GLU B 78 11.54 -11.70 24.51
C GLU B 78 12.96 -11.18 24.83
N LEU B 79 13.13 -10.64 26.03
CA LEU B 79 14.43 -10.17 26.51
C LEU B 79 15.13 -11.27 27.27
N THR B 80 14.33 -11.92 28.13
CA THR B 80 14.57 -13.27 28.65
C THR B 80 15.39 -14.02 27.60
N LYS B 81 14.92 -13.91 26.34
CA LYS B 81 15.60 -14.33 25.10
C LYS B 81 16.65 -13.30 24.59
N ALA B 82 17.70 -13.09 25.39
CA ALA B 82 18.84 -12.28 25.01
C ALA B 82 19.82 -12.14 26.18
N LYS B 87 18.05 -15.63 20.02
CA LYS B 87 17.94 -16.07 18.65
C LYS B 87 18.50 -15.00 17.71
N LEU B 88 18.42 -15.26 16.40
CA LEU B 88 18.91 -14.31 15.39
C LEU B 88 17.90 -14.18 14.25
N ARG B 89 17.59 -12.95 13.88
CA ARG B 89 16.46 -12.68 12.98
C ARG B 89 16.96 -12.17 11.63
N LYS B 90 16.84 -13.06 10.64
CA LYS B 90 17.26 -12.78 9.26
C LYS B 90 16.21 -11.86 8.62
N ASP B 91 14.93 -12.22 8.80
CA ASP B 91 13.78 -11.35 8.46
C ASP B 91 13.94 -9.91 9.02
N MET B 92 14.38 -9.77 10.29
CA MET B 92 14.51 -8.43 10.92
C MET B 92 15.79 -7.68 10.53
N TYR B 93 16.74 -8.36 9.87
CA TYR B 93 17.93 -7.69 9.34
C TYR B 93 17.57 -6.86 8.12
N LYS B 94 17.00 -7.51 7.08
CA LYS B 94 16.43 -6.79 5.92
C LYS B 94 15.60 -5.61 6.41
N LYS B 95 14.52 -5.89 7.15
CA LYS B 95 13.60 -4.85 7.62
C LYS B 95 14.34 -3.62 8.13
N MET B 96 15.42 -3.81 8.91
CA MET B 96 16.15 -2.70 9.56
C MET B 96 17.05 -1.99 8.59
N LEU B 97 17.97 -2.75 7.99
CA LEU B 97 19.02 -2.17 7.16
C LEU B 97 18.40 -1.36 6.03
N ALA B 98 17.16 -1.68 5.74
CA ALA B 98 16.45 -1.05 4.64
C ALA B 98 15.67 0.27 5.03
N VAL B 99 15.30 0.42 6.32
CA VAL B 99 15.03 1.79 6.87
C VAL B 99 16.33 2.58 6.99
N ASP B 100 17.26 2.04 7.76
CA ASP B 100 18.50 2.73 8.09
C ASP B 100 19.61 1.70 7.90
N PRO B 101 20.36 1.87 6.80
CA PRO B 101 21.60 1.12 6.57
C PRO B 101 22.59 1.24 7.73
N ALA B 113 23.18 -9.24 11.04
CA ALA B 113 21.96 -9.87 11.60
C ALA B 113 21.63 -9.28 12.98
N VAL B 114 20.37 -9.47 13.41
CA VAL B 114 19.80 -8.55 14.42
C VAL B 114 18.82 -9.22 15.41
N THR B 115 18.94 -8.85 16.69
CA THR B 115 18.07 -9.38 17.75
C THR B 115 16.63 -8.82 17.64
N LYS B 116 15.67 -9.58 18.17
CA LYS B 116 14.23 -9.23 18.16
C LYS B 116 13.87 -8.01 19.04
N PRO B 117 14.42 -7.92 20.26
CA PRO B 117 14.30 -6.69 21.06
C PRO B 117 14.94 -5.48 20.43
N ARG B 118 16.13 -5.64 19.89
CA ARG B 118 16.89 -4.53 19.30
C ARG B 118 16.07 -3.89 18.20
N TYR B 119 15.44 -4.76 17.42
CA TYR B 119 14.79 -4.34 16.20
C TYR B 119 13.55 -3.58 16.62
N MET B 120 12.69 -4.26 17.38
CA MET B 120 11.41 -3.68 17.79
C MET B 120 11.68 -2.43 18.60
N GLN B 121 12.77 -2.43 19.40
CA GLN B 121 13.12 -1.24 20.18
C GLN B 121 13.58 -0.11 19.29
N TRP B 122 14.28 -0.46 18.22
CA TRP B 122 14.69 0.54 17.22
C TRP B 122 13.40 1.03 16.47
N ARG B 123 12.51 0.12 16.08
CA ARG B 123 11.25 0.54 15.44
C ARG B 123 10.47 1.53 16.33
N GLU B 124 10.67 1.40 17.64
CA GLU B 124 9.88 2.14 18.62
C GLU B 124 10.40 3.60 18.75
N GLY B 125 11.72 3.79 18.66
CA GLY B 125 12.33 5.09 18.76
C GLY B 125 12.35 5.95 17.52
N ILE B 126 12.39 5.36 16.33
CA ILE B 126 12.34 6.20 15.12
C ILE B 126 10.89 6.58 14.74
N SER B 127 9.93 5.80 15.23
CA SER B 127 8.51 6.19 15.20
C SER B 127 8.12 6.94 16.48
N SER B 128 6.85 7.28 16.61
CA SER B 128 6.33 7.91 17.81
C SER B 128 6.09 6.97 18.98
N SER B 129 6.40 5.68 18.86
CA SER B 129 6.03 4.71 19.85
C SER B 129 6.60 5.10 21.25
N THR B 130 7.91 5.38 21.30
CA THR B 130 8.62 5.52 22.52
C THR B 130 8.19 6.78 23.28
N THR B 131 8.03 7.89 22.55
CA THR B 131 7.73 9.14 23.17
C THR B 131 6.23 9.40 23.39
N LEU B 132 5.41 8.97 22.43
CA LEU B 132 3.96 9.24 22.47
C LEU B 132 3.09 8.09 22.84
N GLY B 133 3.61 6.87 22.82
CA GLY B 133 2.88 5.69 23.18
C GLY B 133 1.89 5.20 22.16
N PHE B 134 2.13 5.53 20.91
CA PHE B 134 1.41 4.96 19.77
C PHE B 134 2.18 5.24 18.51
N ARG B 135 1.87 4.53 17.46
CA ARG B 135 2.41 4.88 16.14
C ARG B 135 1.42 4.49 15.04
N ILE B 136 1.32 5.33 14.05
CA ILE B 136 0.54 5.04 12.87
C ILE B 136 1.24 4.02 12.03
N GLU B 137 0.56 2.93 11.68
CA GLU B 137 1.12 1.85 10.90
C GLU B 137 0.74 1.98 9.43
N GLY B 138 -0.52 2.32 9.16
CA GLY B 138 -0.96 2.36 7.79
C GLY B 138 -2.29 2.99 7.54
N ILE B 139 -2.56 3.21 6.27
CA ILE B 139 -3.79 3.85 5.86
C ILE B 139 -4.24 3.18 4.61
N LYS B 140 -5.54 2.90 4.51
CA LYS B 140 -6.16 2.39 3.28
C LYS B 140 -7.25 3.39 2.90
N LYS B 141 -7.13 4.02 1.74
CA LYS B 141 -7.96 5.12 1.34
C LYS B 141 -9.15 4.54 0.59
N ALA B 142 -10.20 5.36 0.53
CA ALA B 142 -11.39 5.03 -0.25
C ALA B 142 -11.01 5.04 -1.76
N ASP B 143 -9.92 5.74 -2.12
CA ASP B 143 -9.48 5.74 -3.54
C ASP B 143 -8.61 4.53 -3.92
N GLY B 144 -8.58 3.49 -3.08
CA GLY B 144 -7.96 2.21 -3.36
C GLY B 144 -6.53 2.10 -2.84
N SER B 145 -5.98 3.30 -2.60
CA SER B 145 -4.62 3.50 -2.20
C SER B 145 -4.41 2.95 -0.84
N CYS B 146 -3.19 2.53 -0.59
CA CYS B 146 -2.77 2.19 0.74
C CYS B 146 -1.33 2.59 0.95
N SER B 147 -1.00 2.94 2.18
CA SER B 147 0.34 3.39 2.50
C SER B 147 0.71 2.89 3.87
N THR B 148 1.93 2.37 3.97
CA THR B 148 2.51 2.02 5.26
C THR B 148 3.81 2.82 5.50
N ASP B 149 3.96 3.90 4.78
CA ASP B 149 5.15 4.76 4.74
C ASP B 149 5.16 5.75 5.92
N PHE B 150 5.28 5.20 7.12
CA PHE B 150 5.13 5.95 8.37
C PHE B 150 6.19 5.57 9.43
N LYS B 151 7.23 4.86 8.99
CA LYS B 151 8.16 4.24 9.93
C LYS B 151 9.01 5.28 10.70
N THR B 152 9.12 6.49 10.16
CA THR B 152 9.77 7.66 10.80
C THR B 152 8.83 8.79 11.11
N THR B 153 7.54 8.48 11.28
CA THR B 153 6.58 9.52 11.64
C THR B 153 6.67 9.55 13.14
N ARG B 154 7.19 10.63 13.71
CA ARG B 154 7.57 10.61 15.13
C ARG B 154 7.12 11.80 15.92
N SER B 155 7.34 12.99 15.41
CA SER B 155 6.97 14.20 16.11
C SER B 155 5.43 14.33 16.22
N ARG B 156 5.00 15.10 17.22
CA ARG B 156 3.59 15.31 17.51
C ARG B 156 2.97 15.92 16.25
N GLU B 157 3.59 16.96 15.75
CA GLU B 157 3.12 17.60 14.55
C GLU B 157 3.21 16.74 13.28
N GLN B 158 4.21 15.85 13.09
CA GLN B 158 4.13 14.87 12.00
C GLN B 158 2.87 13.98 12.11
N VAL B 159 2.58 13.52 13.31
CA VAL B 159 1.45 12.60 13.47
C VAL B 159 0.19 13.40 13.14
N LEU B 160 0.12 14.62 13.65
CA LEU B 160 -0.98 15.52 13.36
C LEU B 160 -1.24 15.72 11.88
N ARG B 161 -0.16 15.94 11.09
CA ARG B 161 -0.29 16.03 9.63
C ARG B 161 -0.80 14.79 8.93
N VAL B 162 -0.42 13.59 9.39
CA VAL B 162 -0.98 12.37 8.87
C VAL B 162 -2.52 12.33 9.11
N PHE B 163 -2.95 12.61 10.32
CA PHE B 163 -4.40 12.55 10.54
C PHE B 163 -5.09 13.61 9.73
N GLU B 164 -4.49 14.80 9.65
CA GLU B 164 -5.02 15.90 8.85
C GLU B 164 -5.24 15.41 7.43
N GLU B 165 -4.27 14.68 6.89
CA GLU B 165 -4.43 14.19 5.55
C GLU B 165 -5.52 13.10 5.48
N PHE B 166 -5.57 12.21 6.47
CA PHE B 166 -6.54 11.10 6.49
C PHE B 166 -8.01 11.61 6.48
N VAL B 167 -8.23 12.75 7.11
CA VAL B 167 -9.56 13.23 7.47
C VAL B 167 -10.11 14.20 6.39
N GLN B 168 -9.18 14.86 5.71
CA GLN B 168 -9.49 15.67 4.52
C GLN B 168 -10.44 16.76 4.75
N GLY B 169 -10.22 17.48 5.82
CA GLY B 169 -11.03 18.62 6.21
C GLY B 169 -12.48 18.33 6.61
N ASP B 170 -12.84 17.08 6.78
CA ASP B 170 -14.22 16.68 7.21
C ASP B 170 -14.36 16.92 8.72
N GLU B 171 -14.87 18.09 9.09
CA GLU B 171 -15.01 18.44 10.50
C GLU B 171 -15.91 17.42 11.26
N GLU B 172 -16.94 16.87 10.60
CA GLU B 172 -17.92 15.97 11.26
C GLU B 172 -17.21 14.65 11.61
N VAL B 173 -16.41 14.14 10.67
CA VAL B 173 -15.64 12.92 10.93
C VAL B 173 -14.67 13.10 12.11
N LEU B 174 -13.91 14.20 12.13
CA LEU B 174 -12.94 14.47 13.23
C LEU B 174 -13.67 14.62 14.59
N ARG B 175 -14.79 15.34 14.57
CA ARG B 175 -15.65 15.46 15.75
C ARG B 175 -16.03 14.09 16.29
N ARG B 176 -16.50 13.22 15.41
CA ARG B 176 -16.98 11.88 15.76
C ARG B 176 -15.86 11.01 16.28
N TYR B 177 -14.72 11.07 15.61
CA TYR B 177 -13.54 10.39 16.14
C TYR B 177 -13.17 10.83 17.55
N LEU B 178 -13.10 12.11 17.76
CA LEU B 178 -12.73 12.61 19.06
C LEU B 178 -13.74 12.16 20.13
N ASN B 179 -15.02 12.15 19.76
CA ASN B 179 -16.08 11.81 20.71
C ASN B 179 -15.94 10.32 21.05
N ARG B 180 -15.59 9.49 20.06
CA ARG B 180 -15.42 8.08 20.27
C ARG B 180 -14.18 7.76 21.13
N LEU B 181 -13.05 8.45 20.90
CA LEU B 181 -11.85 8.21 21.65
C LEU B 181 -12.03 8.56 23.13
N GLN B 182 -12.73 9.65 23.38
CA GLN B 182 -13.06 10.09 24.75
C GLN B 182 -13.86 9.03 25.48
N GLN B 183 -14.91 8.55 24.81
CA GLN B 183 -15.73 7.41 25.32
C GLN B 183 -14.97 6.13 25.52
N ILE B 184 -14.10 5.77 24.56
CA ILE B 184 -13.23 4.67 24.75
C ILE B 184 -12.36 4.82 25.96
N ARG B 185 -11.81 6.02 26.14
CA ARG B 185 -10.90 6.27 27.23
C ARG B 185 -11.65 6.04 28.57
N ASP B 186 -12.82 6.63 28.65
CA ASP B 186 -13.64 6.43 29.87
C ASP B 186 -13.88 4.92 30.14
N THR B 187 -14.14 4.14 29.10
CA THR B 187 -14.40 2.72 29.23
C THR B 187 -13.19 1.91 29.68
N LEU B 188 -12.05 2.20 29.08
CA LEU B 188 -10.79 1.64 29.52
C LEU B 188 -10.43 1.86 30.96
N GLU B 189 -10.66 3.08 31.41
CA GLU B 189 -10.33 3.43 32.79
C GLU B 189 -11.20 2.71 33.85
N VAL B 190 -12.33 2.15 33.43
CA VAL B 190 -13.19 1.38 34.34
C VAL B 190 -13.18 -0.12 34.09
N SER B 191 -12.64 -0.53 32.95
CA SER B 191 -12.66 -1.92 32.49
C SER B 191 -11.92 -2.91 33.39
N GLU B 192 -12.61 -3.98 33.81
CA GLU B 192 -11.99 -4.99 34.69
C GLU B 192 -10.93 -5.72 33.92
N PHE B 193 -11.21 -5.98 32.64
CA PHE B 193 -10.26 -6.60 31.75
C PHE B 193 -9.01 -5.77 31.63
N PHE B 194 -9.19 -4.48 31.32
CA PHE B 194 -8.05 -3.70 30.93
C PHE B 194 -7.04 -3.59 32.06
N ARG B 195 -7.53 -3.47 33.28
CA ARG B 195 -6.67 -3.26 34.44
C ARG B 195 -5.83 -4.49 34.80
N ARG B 196 -6.28 -5.67 34.38
CA ARG B 196 -5.63 -6.93 34.73
C ARG B 196 -4.95 -7.58 33.52
N HIS B 197 -4.79 -6.85 32.41
CA HIS B 197 -4.09 -7.39 31.25
C HIS B 197 -3.06 -6.46 30.77
N GLU B 198 -2.00 -7.03 30.21
CA GLU B 198 -0.95 -6.31 29.54
C GLU B 198 -1.25 -6.27 28.04
N VAL B 199 -1.38 -5.10 27.47
CA VAL B 199 -2.04 -4.98 26.16
C VAL B 199 -0.96 -4.52 25.23
N ILE B 200 -0.30 -5.45 24.52
CA ILE B 200 0.86 -5.15 23.65
C ILE B 200 0.51 -5.58 22.22
N GLY B 201 0.83 -4.77 21.25
CA GLY B 201 0.66 -5.14 19.83
C GLY B 201 -0.74 -4.96 19.28
N SER B 202 -1.64 -4.33 20.07
CA SER B 202 -2.98 -4.05 19.68
C SER B 202 -3.03 -2.71 18.93
N SER B 203 -4.09 -2.50 18.20
CA SER B 203 -4.29 -1.31 17.43
C SER B 203 -5.66 -0.69 17.76
N LEU B 204 -5.78 0.60 17.51
CA LEU B 204 -7.06 1.29 17.35
C LEU B 204 -7.20 1.44 15.85
N LEU B 205 -8.36 1.11 15.35
CA LEU B 205 -8.68 1.13 13.92
C LEU B 205 -9.71 2.19 13.70
N PHE B 206 -9.33 3.24 12.98
CA PHE B 206 -10.18 4.37 12.66
C PHE B 206 -10.77 4.10 11.31
N VAL B 207 -12.09 4.21 11.19
CA VAL B 207 -12.79 3.96 9.92
C VAL B 207 -13.74 5.09 9.68
N HIS B 208 -13.71 5.68 8.47
CA HIS B 208 -14.69 6.69 8.14
C HIS B 208 -15.05 6.65 6.68
N ASP B 209 -16.10 7.37 6.29
CA ASP B 209 -16.45 7.41 4.84
C ASP B 209 -16.97 8.73 4.42
N HIS B 210 -17.34 8.82 3.15
CA HIS B 210 -17.73 10.09 2.54
C HIS B 210 -19.11 10.57 3.01
N CYS B 211 -19.86 9.67 3.65
CA CYS B 211 -21.10 10.02 4.34
C CYS B 211 -20.91 10.45 5.79
N HIS B 212 -19.66 10.73 6.15
CA HIS B 212 -19.30 11.27 7.45
C HIS B 212 -19.48 10.32 8.62
N ARG B 213 -19.76 9.06 8.33
CA ARG B 213 -19.72 8.02 9.32
C ARG B 213 -18.28 7.78 9.83
N ALA B 214 -18.14 7.61 11.14
CA ALA B 214 -16.80 7.45 11.70
C ALA B 214 -16.93 6.50 12.84
N GLY B 215 -16.01 5.57 12.93
CA GLY B 215 -15.93 4.74 14.09
C GLY B 215 -14.50 4.46 14.48
N VAL B 216 -14.31 3.91 15.68
CA VAL B 216 -12.98 3.46 16.15
C VAL B 216 -13.17 2.24 17.07
N TRP B 217 -12.36 1.23 16.87
CA TRP B 217 -12.38 0.04 17.69
C TRP B 217 -11.01 -0.40 18.10
N LEU B 218 -10.87 -1.10 19.22
CA LEU B 218 -9.63 -1.81 19.56
C LEU B 218 -9.62 -3.14 18.80
N ILE B 219 -8.51 -3.46 18.16
CA ILE B 219 -8.29 -4.77 17.55
C ILE B 219 -6.90 -5.36 17.88
N ASP B 220 -6.79 -6.67 17.61
CA ASP B 220 -5.56 -7.46 17.67
C ASP B 220 -5.04 -7.73 19.08
N PHE B 221 -5.54 -8.83 19.66
CA PHE B 221 -5.26 -9.21 21.02
C PHE B 221 -4.38 -10.47 21.07
N GLY B 222 -3.54 -10.63 20.03
CA GLY B 222 -2.67 -11.80 19.88
C GLY B 222 -1.50 -11.76 20.88
N LYS B 223 -1.22 -10.56 21.40
CA LYS B 223 -0.15 -10.38 22.38
C LYS B 223 -0.65 -9.74 23.69
N THR B 224 -1.94 -9.84 23.96
CA THR B 224 -2.52 -9.35 25.20
C THR B 224 -2.64 -10.52 26.20
N THR B 225 -2.11 -10.35 27.41
CA THR B 225 -2.07 -11.45 28.40
C THR B 225 -2.36 -11.03 29.83
N PRO B 226 -2.85 -11.97 30.63
CA PRO B 226 -3.29 -11.64 31.98
C PRO B 226 -2.14 -11.49 32.93
N LEU B 227 -2.33 -10.61 33.91
CA LEU B 227 -1.30 -10.47 34.93
C LEU B 227 -1.59 -11.48 36.03
N PRO B 228 -0.55 -11.89 36.75
CA PRO B 228 -0.69 -12.79 37.92
C PRO B 228 -1.73 -12.31 38.94
N ASP B 229 -2.30 -13.25 39.67
CA ASP B 229 -3.46 -12.96 40.54
C ASP B 229 -3.44 -11.65 41.35
N GLY B 230 -4.51 -10.84 41.22
CA GLY B 230 -4.60 -9.56 41.91
C GLY B 230 -3.43 -8.59 41.73
N GLN B 231 -2.78 -8.62 40.57
CA GLN B 231 -1.91 -7.52 40.15
C GLN B 231 -2.65 -6.75 39.05
N ILE B 232 -2.41 -5.44 38.99
CA ILE B 232 -2.99 -4.60 37.92
C ILE B 232 -1.90 -3.72 37.33
N LEU B 233 -2.23 -3.06 36.20
CA LEU B 233 -1.38 -2.10 35.54
C LEU B 233 -2.15 -0.78 35.53
N ASP B 234 -1.45 0.34 35.53
CA ASP B 234 -2.11 1.65 35.41
C ASP B 234 -2.08 2.18 33.97
N HIS B 235 -1.18 1.63 33.15
CA HIS B 235 -1.16 1.87 31.70
C HIS B 235 -0.74 3.30 31.31
N ARG B 236 -0.30 4.07 32.31
CA ARG B 236 0.37 5.33 32.04
C ARG B 236 1.85 5.43 32.40
N ARG B 237 2.29 4.73 33.45
CA ARG B 237 3.64 4.94 33.92
C ARG B 237 4.66 4.29 32.95
N PRO B 238 5.91 4.77 32.98
CA PRO B 238 6.97 4.20 32.15
C PRO B 238 7.09 2.68 32.30
N TRP B 239 7.44 2.00 31.21
CA TRP B 239 7.70 0.60 31.26
C TRP B 239 9.11 0.44 31.83
N GLU B 240 9.25 -0.53 32.74
CA GLU B 240 10.54 -0.89 33.32
C GLU B 240 10.49 -2.36 33.42
N GLU B 241 11.42 -2.99 32.73
CA GLU B 241 11.38 -4.46 32.60
C GLU B 241 11.07 -5.14 33.90
N GLY B 242 10.00 -5.92 33.92
CA GLY B 242 9.52 -6.55 35.14
C GLY B 242 8.14 -6.10 35.54
N ASN B 243 7.81 -4.83 35.26
CA ASN B 243 6.52 -4.27 35.64
C ASN B 243 5.39 -4.44 34.65
N ARG B 244 5.76 -4.82 33.42
CA ARG B 244 4.83 -5.21 32.37
C ARG B 244 3.87 -4.10 31.89
N GLU B 245 4.19 -2.85 32.25
CA GLU B 245 3.43 -1.68 31.82
C GLU B 245 3.66 -1.44 30.33
N ASP B 246 2.62 -0.92 29.67
CA ASP B 246 2.55 -0.87 28.20
C ASP B 246 2.39 0.53 27.66
N GLY B 247 2.23 1.53 28.53
CA GLY B 247 1.93 2.88 28.12
C GLY B 247 0.66 3.05 27.28
N TYR B 248 -0.22 2.07 27.24
CA TYR B 248 -1.43 2.22 26.42
C TYR B 248 -2.16 3.58 26.57
N LEU B 249 -2.47 3.96 27.84
CA LEU B 249 -3.27 5.16 28.06
C LEU B 249 -2.49 6.40 27.86
N LEU B 250 -1.19 6.38 28.09
CA LEU B 250 -0.37 7.50 27.65
C LEU B 250 -0.54 7.76 26.14
N GLY B 251 -0.62 6.65 25.39
CA GLY B 251 -0.78 6.71 23.94
C GLY B 251 -2.13 7.31 23.58
N LEU B 252 -3.19 6.79 24.21
CA LEU B 252 -4.53 7.30 23.95
C LEU B 252 -4.64 8.76 24.37
N ASP B 253 -4.04 9.15 25.53
CA ASP B 253 -4.02 10.54 25.95
C ASP B 253 -3.42 11.44 24.85
N ASN B 254 -2.30 11.02 24.31
CA ASN B 254 -1.59 11.82 23.35
C ASN B 254 -2.40 11.88 22.06
N LEU B 255 -2.94 10.77 21.65
CA LEU B 255 -3.79 10.72 20.46
C LEU B 255 -5.00 11.66 20.53
N ILE B 256 -5.70 11.70 21.65
CA ILE B 256 -6.81 12.58 21.86
C ILE B 256 -6.33 14.04 21.80
N GLY B 257 -5.17 14.33 22.41
CA GLY B 257 -4.61 15.67 22.42
C GLY B 257 -4.34 16.19 21.00
N ILE B 258 -3.79 15.32 20.19
CA ILE B 258 -3.40 15.64 18.81
C ILE B 258 -4.63 15.89 17.95
N LEU B 259 -5.56 14.97 18.00
CA LEU B 259 -6.84 15.16 17.32
C LEU B 259 -7.58 16.38 17.80
N ALA B 260 -7.57 16.68 19.10
CA ALA B 260 -8.23 17.88 19.57
C ALA B 260 -7.53 19.17 19.05
N SER B 261 -6.20 19.14 19.00
CA SER B 261 -5.45 20.25 18.42
C SER B 261 -5.84 20.43 16.95
N LEU B 262 -5.85 19.32 16.20
CA LEU B 262 -6.21 19.35 14.80
C LEU B 262 -7.60 19.98 14.59
N ALA B 263 -8.55 19.61 15.45
CA ALA B 263 -9.89 20.17 15.37
C ALA B 263 -9.95 21.69 15.49
N GLU B 264 -8.99 22.30 16.19
CA GLU B 264 -8.97 23.76 16.31
C GLU B 264 -8.10 24.54 15.28
N ARG B 265 -7.48 23.84 14.32
CA ARG B 265 -6.71 24.50 13.26
C ARG B 265 -7.60 24.91 12.09
#